data_1RD3
#
_entry.id   1RD3
#
_cell.length_a   73.230
_cell.length_b   107.620
_cell.length_c   136.030
_cell.angle_alpha   90.00
_cell.angle_beta   90.00
_cell.angle_gamma   90.00
#
_symmetry.space_group_name_H-M   'P 21 21 21'
#
loop_
_entity.id
_entity.type
_entity.pdbx_description
1 polymer Prothrombin
2 polymer Prothrombin
3 branched alpha-D-mannopyranose-(1-6)-beta-D-mannopyranose-(1-4)-2-acetamido-2-deoxy-alpha-D-glucopyranose-(1-4)-[alpha-L-fucopyranose-(1-6)]2-acetamido-2-deoxy-beta-D-glucopyranose
4 branched 2-acetamido-2-deoxy-alpha-D-glucopyranose-(1-4)-[alpha-L-fucopyranose-(1-6)]2-acetamido-2-deoxy-beta-D-glucopyranose
5 non-polymer 'PHOSPHATE ION'
6 non-polymer GLYCEROL
7 water water
#
loop_
_entity_poly.entity_id
_entity_poly.type
_entity_poly.pdbx_seq_one_letter_code
_entity_poly.pdbx_strand_id
1 'polypeptide(L)' TFGSGEADCGLRPLFEKKSLEDKTERELLESYIDGR A,C
2 'polypeptide(L)'
;IVEGSDAEIGMSPWQVMLFRKSPQELLCGASLISDRWVLTAAHCLLYPPWDKNFTENDLLVRIGKHSRTRYERNIEKISM
LEKIYIHPRYNWRENLDRDIALMKLKKPVAFSDYIHPVCLPDRETAASLLQAGYKGRVTGWGNLKETWTANVGKGQPSVL
QVVNLPIVERPVCKDSTRIRITDNMFCAGYKPDEGKRGDACEGDSGGPFVMKSPFNNRWYQMGIVSWGKGCDRDGKYGFY
THVFRLKKWIQKVIDQFGE
;
B,D
#
# COMPACT_ATOMS: atom_id res chain seq x y z
N THR A 1 -22.06 21.82 -27.20
CA THR A 1 -21.20 22.86 -26.54
C THR A 1 -21.83 23.38 -25.24
N PHE A 2 -21.46 22.77 -24.10
CA PHE A 2 -21.98 23.23 -22.80
C PHE A 2 -20.95 24.22 -22.24
N GLY A 3 -20.99 25.44 -22.76
CA GLY A 3 -20.01 26.43 -22.38
C GLY A 3 -18.90 25.98 -23.32
N SER A 4 -17.96 25.20 -22.78
CA SER A 4 -16.84 24.62 -23.52
C SER A 4 -16.82 24.96 -25.00
N GLY A 5 -16.74 23.86 -25.75
CA GLY A 5 -16.72 23.88 -27.19
C GLY A 5 -16.89 22.40 -27.51
N GLU A 6 -17.94 21.79 -26.95
CA GLU A 6 -18.27 20.36 -27.12
C GLU A 6 -18.08 19.91 -28.56
N ALA A 7 -18.63 20.68 -29.48
CA ALA A 7 -18.54 20.36 -30.90
C ALA A 7 -17.10 20.07 -31.33
N ASP A 8 -16.14 20.61 -30.60
CA ASP A 8 -14.74 20.41 -30.95
C ASP A 8 -13.86 19.79 -29.86
N CYS A 9 -14.50 19.17 -28.87
CA CYS A 9 -13.76 18.54 -27.77
C CYS A 9 -12.97 17.36 -28.29
N GLY A 10 -11.84 17.07 -27.65
CA GLY A 10 -11.03 15.93 -28.02
C GLY A 10 -10.13 16.08 -29.23
N LEU A 11 -10.19 17.22 -29.90
CA LEU A 11 -9.34 17.43 -31.07
C LEU A 11 -8.31 18.51 -30.76
N ARG A 12 -7.10 18.07 -30.44
CA ARG A 12 -6.01 18.97 -30.09
C ARG A 12 -5.60 19.86 -31.24
N PRO A 13 -5.54 21.18 -31.00
CA PRO A 13 -5.14 22.12 -32.04
C PRO A 13 -3.81 21.78 -32.73
N LEU A 14 -2.85 21.31 -31.94
CA LEU A 14 -1.52 20.99 -32.44
C LEU A 14 -1.29 19.56 -32.90
N PHE A 15 -2.37 18.80 -32.99
CA PHE A 15 -2.27 17.41 -33.44
C PHE A 15 -3.44 17.05 -34.37
N GLU A 16 -4.54 16.55 -33.83
CA GLU A 16 -5.67 16.20 -34.70
C GLU A 16 -6.00 17.34 -35.66
N LYS A 17 -5.84 18.58 -35.22
CA LYS A 17 -6.15 19.72 -36.07
C LYS A 17 -5.14 19.95 -37.17
N LYS A 18 -3.86 19.72 -36.89
CA LYS A 18 -2.82 19.92 -37.90
C LYS A 18 -2.46 18.58 -38.53
N SER A 19 -3.34 17.59 -38.34
CA SER A 19 -3.14 16.25 -38.87
C SER A 19 -1.83 15.62 -38.42
N LEU A 20 -1.40 15.98 -37.22
CA LEU A 20 -0.16 15.44 -36.65
C LEU A 20 -0.44 14.39 -35.58
N GLU A 21 0.31 13.29 -35.62
CA GLU A 21 0.15 12.22 -34.66
C GLU A 21 1.23 12.36 -33.57
N ASP A 22 0.83 12.31 -32.30
CA ASP A 22 1.82 12.45 -31.24
C ASP A 22 2.67 11.20 -31.08
N LYS A 23 3.80 11.36 -30.41
CA LYS A 23 4.77 10.28 -30.20
C LYS A 23 4.26 8.89 -29.79
N THR A 24 3.23 8.82 -28.96
CA THR A 24 2.77 7.52 -28.52
C THR A 24 1.31 7.17 -28.66
N GLU A 25 0.53 7.97 -29.39
CA GLU A 25 -0.88 7.64 -29.53
C GLU A 25 -1.10 6.34 -30.30
N ARG A 26 -0.13 5.95 -31.13
CA ARG A 26 -0.23 4.71 -31.90
C ARG A 26 -0.22 3.49 -30.98
N GLU A 27 0.51 3.59 -29.87
CA GLU A 27 0.57 2.49 -28.91
C GLU A 27 -0.83 2.21 -28.36
N LEU A 28 -1.62 3.27 -28.26
CA LEU A 28 -2.98 3.17 -27.76
C LEU A 28 -3.86 2.51 -28.80
N LEU A 29 -3.74 2.99 -30.03
CA LEU A 29 -4.51 2.48 -31.16
C LEU A 29 -4.24 0.99 -31.38
N GLU A 30 -2.99 0.59 -31.23
CA GLU A 30 -2.64 -0.80 -31.42
C GLU A 30 -3.29 -1.72 -30.40
N SER A 31 -3.58 -1.20 -29.21
CA SER A 31 -4.19 -2.02 -28.15
C SER A 31 -5.64 -2.38 -28.38
N TYR A 32 -6.24 -1.84 -29.44
CA TYR A 32 -7.62 -2.15 -29.73
C TYR A 32 -7.71 -3.48 -30.47
N ILE A 33 -8.40 -4.44 -29.86
CA ILE A 33 -8.55 -5.78 -30.42
C ILE A 33 -9.87 -6.42 -29.97
N ILE B 1 3.80 10.72 -12.04
CA ILE B 1 3.97 9.62 -13.05
C ILE B 1 5.35 8.99 -12.87
N VAL B 2 5.37 7.67 -12.79
CA VAL B 2 6.61 6.93 -12.66
C VAL B 2 6.89 6.20 -13.97
N GLU B 3 8.12 6.30 -14.47
CA GLU B 3 8.51 5.64 -15.72
C GLU B 3 7.76 6.11 -16.96
N GLY B 4 7.30 7.36 -16.93
CA GLY B 4 6.61 7.90 -18.07
C GLY B 4 7.62 8.73 -18.84
N SER B 5 7.13 9.68 -19.62
CA SER B 5 7.98 10.55 -20.40
C SER B 5 7.41 11.97 -20.39
N ASP B 6 8.17 12.91 -20.92
CA ASP B 6 7.72 14.30 -20.97
C ASP B 6 6.63 14.41 -22.02
N ALA B 7 5.57 15.13 -21.70
CA ALA B 7 4.47 15.33 -22.64
C ALA B 7 4.93 16.32 -23.70
N GLU B 8 4.33 16.27 -24.89
CA GLU B 8 4.71 17.21 -25.93
C GLU B 8 3.85 18.45 -25.78
N ILE B 9 4.35 19.58 -26.23
CA ILE B 9 3.61 20.83 -26.15
C ILE B 9 2.26 20.57 -26.80
N GLY B 10 1.19 20.97 -26.13
CA GLY B 10 -0.16 20.82 -26.66
C GLY B 10 -0.69 19.40 -26.76
N MET B 11 0.02 18.45 -26.18
CA MET B 11 -0.38 17.04 -26.22
C MET B 11 -1.58 16.74 -25.33
N SER B 12 -1.69 17.48 -24.23
CA SER B 12 -2.80 17.32 -23.30
C SER B 12 -3.24 18.74 -22.96
N PRO B 13 -3.82 19.45 -23.95
CA PRO B 13 -4.26 20.82 -23.75
C PRO B 13 -5.42 20.97 -22.76
N TRP B 14 -5.94 19.84 -22.27
CA TRP B 14 -7.04 19.90 -21.31
C TRP B 14 -6.53 19.70 -19.90
N GLN B 15 -5.22 19.63 -19.76
CA GLN B 15 -4.58 19.44 -18.47
C GLN B 15 -4.73 20.65 -17.57
N VAL B 16 -5.13 20.43 -16.33
CA VAL B 16 -5.28 21.53 -15.38
C VAL B 16 -4.54 21.23 -14.07
N MET B 17 -3.92 22.25 -13.50
CA MET B 17 -3.20 22.09 -12.25
C MET B 17 -4.03 22.73 -11.13
N LEU B 18 -4.29 21.98 -10.08
CA LEU B 18 -5.06 22.48 -8.94
C LEU B 18 -4.10 22.90 -7.83
N PHE B 19 -4.15 24.17 -7.44
CA PHE B 19 -3.28 24.69 -6.38
C PHE B 19 -4.03 25.13 -5.14
N ARG B 20 -3.31 25.12 -4.02
CA ARG B 20 -3.84 25.57 -2.77
C ARG B 20 -3.55 27.06 -2.90
N LYS B 21 -4.48 27.91 -2.49
CA LYS B 21 -4.26 29.35 -2.63
C LYS B 21 -3.17 29.86 -1.69
N SER B 22 -3.18 29.36 -0.45
CA SER B 22 -2.19 29.79 0.53
C SER B 22 -2.07 28.83 1.71
N PRO B 23 -0.85 28.34 1.98
CA PRO B 23 0.34 28.67 1.18
C PRO B 23 0.13 28.12 -0.21
N GLN B 24 0.81 28.67 -1.21
CA GLN B 24 0.61 28.18 -2.55
C GLN B 24 1.38 26.88 -2.81
N GLU B 25 0.64 25.80 -3.03
CA GLU B 25 1.24 24.51 -3.31
C GLU B 25 0.40 23.75 -4.34
N LEU B 26 1.06 22.97 -5.18
CA LEU B 26 0.38 22.18 -6.19
C LEU B 26 -0.24 21.01 -5.45
N LEU B 27 -1.53 20.79 -5.66
CA LEU B 27 -2.23 19.74 -4.96
C LEU B 27 -2.55 18.53 -5.78
N CYS B 28 -3.26 18.74 -6.87
CA CYS B 28 -3.70 17.65 -7.72
C CYS B 28 -3.66 17.96 -9.19
N GLY B 29 -4.21 17.03 -9.96
CA GLY B 29 -4.30 17.19 -11.40
C GLY B 29 -5.79 17.37 -11.62
N ALA B 30 -6.16 17.80 -12.82
CA ALA B 30 -7.56 18.03 -13.18
C ALA B 30 -7.66 18.13 -14.68
N SER B 31 -8.87 18.17 -15.20
CA SER B 31 -9.03 18.28 -16.64
C SER B 31 -10.11 19.26 -16.99
N LEU B 32 -9.93 19.91 -18.13
CA LEU B 32 -10.85 20.90 -18.65
C LEU B 32 -11.87 20.18 -19.53
N ILE B 33 -13.15 20.26 -19.18
CA ILE B 33 -14.20 19.61 -19.98
C ILE B 33 -15.04 20.66 -20.69
N SER B 34 -14.83 21.92 -20.33
CA SER B 34 -15.54 23.04 -20.94
C SER B 34 -14.76 24.32 -20.64
N ASP B 35 -15.25 25.45 -21.10
CA ASP B 35 -14.54 26.69 -20.85
C ASP B 35 -14.75 27.23 -19.43
N ARG B 36 -15.59 26.55 -18.66
CA ARG B 36 -15.82 26.98 -17.28
C ARG B 36 -15.78 25.82 -16.30
N TRP B 37 -15.83 24.59 -16.82
CA TRP B 37 -15.83 23.41 -15.97
C TRP B 37 -14.56 22.58 -15.94
N VAL B 38 -14.12 22.28 -14.73
CA VAL B 38 -12.94 21.48 -14.53
C VAL B 38 -13.27 20.23 -13.74
N LEU B 39 -12.78 19.09 -14.22
CA LEU B 39 -13.03 17.82 -13.56
C LEU B 39 -11.80 17.45 -12.75
N THR B 40 -12.01 16.86 -11.57
CA THR B 40 -10.91 16.45 -10.72
C THR B 40 -11.34 15.32 -9.79
N ALA B 41 -10.48 14.95 -8.85
CA ALA B 41 -10.80 13.88 -7.90
C ALA B 41 -11.34 14.47 -6.61
N ALA B 42 -12.43 13.90 -6.10
CA ALA B 42 -13.03 14.41 -4.88
C ALA B 42 -12.06 14.45 -3.70
N HIS B 43 -11.27 13.38 -3.52
CA HIS B 43 -10.34 13.37 -2.39
C HIS B 43 -9.25 14.41 -2.51
N CYS B 44 -9.26 15.12 -3.63
CA CYS B 44 -8.28 16.18 -3.85
C CYS B 44 -8.73 17.42 -3.06
N LEU B 45 -10.05 17.56 -2.96
CA LEU B 45 -10.68 18.67 -2.28
C LEU B 45 -11.06 18.29 -0.86
N LEU B 46 -11.63 17.12 -0.70
CA LEU B 46 -12.06 16.66 0.60
C LEU B 46 -11.54 15.27 0.96
N TYR B 47 -10.69 15.21 1.97
CA TYR B 47 -10.14 13.95 2.44
C TYR B 47 -9.66 14.14 3.86
N PRO B 48 -10.57 14.03 4.84
CA PRO B 48 -10.24 14.19 6.26
C PRO B 48 -8.98 13.42 6.69
N PRO B 49 -8.79 12.19 6.19
CA PRO B 49 -7.61 11.43 6.58
C PRO B 49 -6.29 12.19 6.43
N TRP B 50 -6.24 13.16 5.52
CA TRP B 50 -5.02 13.93 5.32
C TRP B 50 -5.19 15.43 5.52
N ASP B 51 -6.02 15.83 6.48
CA ASP B 51 -6.21 17.25 6.74
C ASP B 51 -6.56 18.05 5.48
N LYS B 52 -7.44 17.51 4.64
CA LYS B 52 -7.80 18.22 3.44
C LYS B 52 -9.29 18.45 3.36
N ASN B 53 -9.67 19.71 3.33
CA ASN B 53 -11.06 20.13 3.26
C ASN B 53 -11.07 21.53 2.68
N PHE B 54 -11.03 21.61 1.37
CA PHE B 54 -11.00 22.89 0.69
C PHE B 54 -12.34 23.32 0.15
N THR B 55 -12.51 24.62 0.03
CA THR B 55 -13.71 25.23 -0.52
C THR B 55 -13.23 26.09 -1.70
N GLU B 56 -14.17 26.60 -2.50
CA GLU B 56 -13.82 27.41 -3.66
C GLU B 56 -12.76 28.47 -3.42
N ASN B 57 -12.85 29.17 -2.31
CA ASN B 57 -11.88 30.24 -2.06
C ASN B 57 -10.51 29.81 -1.55
N ASP B 58 -10.31 28.52 -1.33
CA ASP B 58 -9.01 28.05 -0.88
C ASP B 58 -8.16 27.64 -2.05
N LEU B 59 -8.78 27.54 -3.21
CA LEU B 59 -8.10 27.07 -4.41
C LEU B 59 -7.87 28.02 -5.56
N LEU B 60 -6.93 27.61 -6.41
CA LEU B 60 -6.51 28.37 -7.57
C LEU B 60 -6.15 27.33 -8.63
N VAL B 61 -6.37 27.66 -9.90
CA VAL B 61 -6.10 26.71 -10.97
C VAL B 61 -5.28 27.32 -12.11
N ARG B 62 -4.33 26.54 -12.65
CA ARG B 62 -3.51 27.01 -13.78
C ARG B 62 -3.75 26.08 -14.96
N ILE B 63 -4.02 26.67 -16.12
CA ILE B 63 -4.33 25.90 -17.31
C ILE B 63 -3.36 26.18 -18.43
N GLY B 64 -3.12 25.18 -19.27
CA GLY B 64 -2.21 25.33 -20.39
C GLY B 64 -0.71 25.23 -20.11
N LYS B 65 -0.32 24.74 -18.94
CA LYS B 65 1.11 24.64 -18.62
C LYS B 65 1.79 23.35 -19.07
N HIS B 66 3.06 23.49 -19.43
CA HIS B 66 3.89 22.38 -19.87
C HIS B 66 5.08 22.25 -18.93
N SER B 67 5.58 23.36 -18.42
CA SER B 67 6.70 23.33 -17.51
C SER B 67 6.28 23.93 -16.20
N ARG B 68 6.65 23.25 -15.12
CA ARG B 68 6.30 23.68 -13.77
C ARG B 68 7.22 24.79 -13.26
N THR B 69 8.41 24.86 -13.85
CA THR B 69 9.42 25.84 -13.45
C THR B 69 9.18 27.24 -14.03
N ARG B 70 9.45 27.36 -15.32
CA ARG B 70 9.32 28.62 -16.07
C ARG B 70 7.86 29.08 -16.21
N TYR B 71 7.64 30.39 -16.24
CA TYR B 71 6.30 30.92 -16.44
C TYR B 71 6.13 30.91 -17.95
N GLU B 72 4.98 30.46 -18.44
CA GLU B 72 4.79 30.38 -19.87
C GLU B 72 4.05 31.54 -20.52
N ARG B 73 4.85 32.56 -20.83
CA ARG B 73 4.47 33.80 -21.49
C ARG B 73 3.37 33.57 -22.53
N ASN B 74 2.26 34.30 -22.41
CA ASN B 74 1.13 34.19 -23.34
C ASN B 74 0.57 32.81 -23.59
N ILE B 75 0.93 31.83 -22.76
CA ILE B 75 0.42 30.48 -22.97
C ILE B 75 -0.46 30.00 -21.84
N GLU B 76 0.09 29.96 -20.64
CA GLU B 76 -0.66 29.49 -19.49
C GLU B 76 -1.65 30.51 -18.98
N LYS B 77 -2.69 30.04 -18.31
CA LYS B 77 -3.71 30.91 -17.76
C LYS B 77 -3.92 30.54 -16.29
N ILE B 78 -4.14 31.54 -15.46
CA ILE B 78 -4.39 31.29 -14.04
C ILE B 78 -5.83 31.69 -13.77
N SER B 79 -6.56 30.84 -13.07
CA SER B 79 -7.96 31.15 -12.79
C SER B 79 -8.42 30.81 -11.39
N MET B 80 -9.39 31.57 -10.90
CA MET B 80 -9.96 31.34 -9.59
C MET B 80 -11.18 30.45 -9.83
N LEU B 81 -11.75 29.92 -8.76
CA LEU B 81 -12.93 29.06 -8.87
C LEU B 81 -14.14 29.70 -8.22
N GLU B 82 -15.27 29.65 -8.91
CA GLU B 82 -16.49 30.22 -8.38
C GLU B 82 -17.11 29.30 -7.35
N LYS B 83 -17.17 28.01 -7.68
CA LYS B 83 -17.78 27.02 -6.81
C LYS B 83 -17.23 25.64 -7.10
N ILE B 84 -17.26 24.74 -6.11
CA ILE B 84 -16.81 23.37 -6.37
C ILE B 84 -17.95 22.44 -6.01
N TYR B 85 -18.00 21.30 -6.69
CA TYR B 85 -19.05 20.33 -6.45
C TYR B 85 -18.48 18.94 -6.27
N ILE B 86 -18.64 18.40 -5.08
CA ILE B 86 -18.16 17.06 -4.78
C ILE B 86 -19.37 16.16 -4.87
N HIS B 87 -19.20 14.98 -5.49
CA HIS B 87 -20.30 14.05 -5.62
C HIS B 87 -20.90 13.75 -4.25
N PRO B 88 -22.23 13.88 -4.12
CA PRO B 88 -22.96 13.64 -2.88
C PRO B 88 -22.80 12.25 -2.28
N ARG B 89 -22.61 11.24 -3.12
CA ARG B 89 -22.43 9.88 -2.62
C ARG B 89 -20.96 9.49 -2.59
N TYR B 90 -20.09 10.50 -2.53
CA TYR B 90 -18.65 10.29 -2.48
C TYR B 90 -18.31 9.63 -1.16
N ASN B 91 -17.63 8.50 -1.24
CA ASN B 91 -17.25 7.75 -0.05
C ASN B 91 -15.76 7.81 0.21
N TRP B 92 -15.34 8.61 1.20
CA TRP B 92 -13.91 8.71 1.50
C TRP B 92 -13.46 7.83 2.65
N ARG B 93 -14.39 7.40 3.49
CA ARG B 93 -14.01 6.57 4.64
C ARG B 93 -13.59 5.15 4.25
N GLU B 94 -14.15 4.63 3.17
CA GLU B 94 -13.87 3.26 2.77
C GLU B 94 -13.07 2.94 1.51
N ASN B 95 -13.54 3.41 0.35
CA ASN B 95 -12.86 3.06 -0.90
C ASN B 95 -12.79 4.13 -1.97
N LEU B 96 -13.07 5.38 -1.63
CA LEU B 96 -13.03 6.44 -2.62
C LEU B 96 -14.01 6.17 -3.75
N ASP B 97 -15.11 5.51 -3.42
CA ASP B 97 -16.14 5.25 -4.39
C ASP B 97 -16.69 6.62 -4.81
N ARG B 98 -16.81 6.85 -6.10
CA ARG B 98 -17.31 8.13 -6.61
C ARG B 98 -16.35 9.28 -6.31
N ASP B 99 -15.06 9.01 -6.46
CA ASP B 99 -14.04 10.00 -6.20
C ASP B 99 -14.04 10.95 -7.38
N ILE B 100 -14.92 11.93 -7.34
CA ILE B 100 -15.05 12.88 -8.43
C ILE B 100 -15.66 14.19 -7.95
N ALA B 101 -15.19 15.28 -8.54
CA ALA B 101 -15.67 16.62 -8.20
C ALA B 101 -15.50 17.49 -9.42
N LEU B 102 -16.36 18.51 -9.50
CA LEU B 102 -16.33 19.48 -10.59
C LEU B 102 -15.98 20.83 -10.00
N MET B 103 -15.25 21.63 -10.75
CA MET B 103 -14.89 22.95 -10.29
C MET B 103 -15.26 23.89 -11.42
N LYS B 104 -16.02 24.92 -11.06
CA LYS B 104 -16.49 25.91 -12.02
C LYS B 104 -15.57 27.11 -11.86
N LEU B 105 -15.02 27.59 -12.97
CA LEU B 105 -14.10 28.72 -12.96
C LEU B 105 -14.84 30.04 -12.76
N LYS B 106 -14.19 31.03 -12.16
CA LYS B 106 -14.81 32.34 -11.94
C LYS B 106 -15.27 32.90 -13.29
N LYS B 107 -14.43 32.75 -14.31
CA LYS B 107 -14.75 33.23 -15.64
C LYS B 107 -14.28 32.18 -16.64
N PRO B 108 -14.86 32.19 -17.84
CA PRO B 108 -14.49 31.23 -18.89
C PRO B 108 -13.04 31.41 -19.25
N VAL B 109 -12.36 30.32 -19.59
CA VAL B 109 -10.96 30.39 -19.98
C VAL B 109 -11.00 30.40 -21.51
N ALA B 110 -9.99 30.98 -22.14
CA ALA B 110 -9.98 31.04 -23.59
C ALA B 110 -9.19 29.88 -24.16
N PHE B 111 -9.80 29.16 -25.09
CA PHE B 111 -9.15 28.02 -25.74
C PHE B 111 -8.02 28.54 -26.62
N SER B 112 -7.09 27.67 -26.96
CA SER B 112 -5.97 28.07 -27.78
C SER B 112 -5.24 26.82 -28.21
N ASP B 113 -4.04 27.00 -28.74
CA ASP B 113 -3.23 25.87 -29.15
C ASP B 113 -2.94 25.01 -27.93
N TYR B 114 -2.82 25.66 -26.78
CA TYR B 114 -2.47 25.02 -25.51
C TYR B 114 -3.59 24.78 -24.50
N ILE B 115 -4.81 25.17 -24.82
CA ILE B 115 -5.91 24.97 -23.89
C ILE B 115 -7.11 24.53 -24.71
N HIS B 116 -7.53 23.30 -24.51
CA HIS B 116 -8.66 22.78 -25.26
C HIS B 116 -9.34 21.74 -24.38
N PRO B 117 -10.68 21.68 -24.42
CA PRO B 117 -11.40 20.72 -23.60
C PRO B 117 -11.40 19.32 -24.19
N VAL B 118 -11.44 18.34 -23.30
CA VAL B 118 -11.46 16.93 -23.70
C VAL B 118 -12.92 16.52 -23.72
N CYS B 119 -13.25 15.43 -24.41
CA CYS B 119 -14.65 14.99 -24.47
C CYS B 119 -15.01 14.08 -23.32
N LEU B 120 -16.30 13.93 -23.08
CA LEU B 120 -16.82 13.01 -22.06
C LEU B 120 -17.47 11.86 -22.83
N PRO B 121 -17.11 10.62 -22.51
CA PRO B 121 -17.71 9.49 -23.24
C PRO B 121 -19.23 9.34 -23.12
N ASP B 122 -19.82 8.69 -24.11
CA ASP B 122 -21.25 8.41 -24.12
C ASP B 122 -21.30 6.89 -23.87
N ARG B 123 -22.49 6.31 -23.82
CA ARG B 123 -22.59 4.89 -23.57
C ARG B 123 -21.73 4.07 -24.54
N GLU B 124 -21.86 4.34 -25.83
CA GLU B 124 -21.11 3.60 -26.84
C GLU B 124 -19.60 3.69 -26.72
N THR B 125 -19.06 4.90 -26.58
CA THR B 125 -17.61 5.06 -26.46
C THR B 125 -17.08 4.26 -25.27
N ALA B 126 -17.76 4.38 -24.14
CA ALA B 126 -17.36 3.67 -22.94
C ALA B 126 -17.35 2.16 -23.20
N ALA B 127 -18.44 1.65 -23.72
CA ALA B 127 -18.57 0.23 -23.99
C ALA B 127 -17.57 -0.25 -25.03
N SER B 128 -17.20 0.64 -25.94
CA SER B 128 -16.27 0.28 -26.99
C SER B 128 -14.81 0.34 -26.57
N LEU B 129 -14.46 1.26 -25.68
CA LEU B 129 -13.06 1.44 -25.26
C LEU B 129 -12.65 0.94 -23.89
N LEU B 130 -13.57 0.91 -22.93
CA LEU B 130 -13.26 0.42 -21.59
C LEU B 130 -13.24 -1.09 -21.56
N GLN B 131 -12.17 -1.67 -22.09
CA GLN B 131 -12.02 -3.12 -22.13
C GLN B 131 -10.61 -3.49 -21.75
N ALA B 132 -10.48 -4.55 -20.94
CA ALA B 132 -9.19 -5.02 -20.51
C ALA B 132 -8.21 -5.11 -21.67
N GLY B 133 -6.98 -4.67 -21.44
CA GLY B 133 -5.98 -4.74 -22.49
C GLY B 133 -5.88 -3.46 -23.27
N TYR B 134 -7.02 -2.79 -23.47
CA TYR B 134 -7.04 -1.53 -24.19
C TYR B 134 -6.27 -0.55 -23.34
N LYS B 135 -5.44 0.27 -23.96
CA LYS B 135 -4.65 1.24 -23.22
C LYS B 135 -5.25 2.66 -23.21
N GLY B 136 -5.00 3.36 -22.12
CA GLY B 136 -5.46 4.72 -21.95
C GLY B 136 -4.23 5.56 -21.62
N ARG B 137 -4.40 6.87 -21.54
CA ARG B 137 -3.27 7.72 -21.25
C ARG B 137 -3.49 8.48 -19.95
N VAL B 138 -2.42 8.61 -19.19
CA VAL B 138 -2.45 9.32 -17.92
C VAL B 138 -1.37 10.39 -17.94
N THR B 139 -1.71 11.57 -17.45
CA THR B 139 -0.79 12.69 -17.43
C THR B 139 -0.83 13.37 -16.07
N GLY B 140 0.31 13.89 -15.61
CA GLY B 140 0.32 14.55 -14.32
C GLY B 140 1.68 15.00 -13.84
N TRP B 141 1.67 15.76 -12.74
CA TRP B 141 2.90 16.28 -12.15
C TRP B 141 3.23 15.56 -10.86
N GLY B 142 2.76 14.31 -10.73
CA GLY B 142 3.05 13.53 -9.54
C GLY B 142 4.54 13.25 -9.51
N ASN B 143 5.01 12.61 -8.45
CA ASN B 143 6.42 12.31 -8.33
C ASN B 143 6.90 11.34 -9.40
N LEU B 144 8.19 11.41 -9.71
CA LEU B 144 8.82 10.57 -10.72
C LEU B 144 9.28 9.26 -10.12
N LYS B 145 9.39 9.21 -8.79
CA LYS B 145 9.82 8.00 -8.13
C LYS B 145 9.35 7.79 -6.70
N GLU B 146 9.72 6.64 -6.16
CA GLU B 146 9.39 6.24 -4.80
C GLU B 146 9.21 7.39 -3.82
N THR B 147 8.06 7.42 -3.15
CA THR B 147 7.79 8.47 -2.17
C THR B 147 7.35 7.95 -0.80
N TRP B 148 7.60 6.66 -0.55
CA TRP B 148 7.23 6.09 0.74
C TRP B 148 8.32 6.23 1.82
N THR B 149 9.52 6.64 1.41
CA THR B 149 10.61 6.85 2.37
C THR B 149 10.55 8.33 2.77
N ALA B 150 11.60 8.85 3.40
CA ALA B 150 11.60 10.25 3.84
C ALA B 150 11.84 11.27 2.72
N ASN B 151 11.54 12.53 3.02
CA ASN B 151 11.72 13.66 2.10
C ASN B 151 10.71 13.66 0.96
N VAL B 152 10.23 14.84 0.62
CA VAL B 152 9.28 15.02 -0.48
C VAL B 152 10.04 15.75 -1.61
N GLY B 153 11.11 16.45 -1.22
CA GLY B 153 11.94 17.21 -2.14
C GLY B 153 12.30 16.61 -3.48
N LYS B 154 13.21 15.65 -3.48
CA LYS B 154 13.65 15.02 -4.72
C LYS B 154 12.46 14.39 -5.43
N GLY B 155 12.62 14.08 -6.72
CA GLY B 155 11.57 13.43 -7.47
C GLY B 155 10.47 14.24 -8.14
N GLN B 156 10.59 15.56 -8.17
CA GLN B 156 9.55 16.37 -8.81
C GLN B 156 9.87 16.72 -10.25
N PRO B 157 8.99 16.31 -11.19
CA PRO B 157 9.15 16.57 -12.62
C PRO B 157 9.02 18.04 -12.98
N SER B 158 9.93 18.48 -13.85
CA SER B 158 9.94 19.86 -14.32
C SER B 158 8.86 20.05 -15.38
N VAL B 159 8.62 19.03 -16.20
CA VAL B 159 7.58 19.14 -17.23
C VAL B 159 6.52 18.05 -17.08
N LEU B 160 5.31 18.36 -17.53
CA LEU B 160 4.17 17.44 -17.45
C LEU B 160 4.59 16.05 -17.94
N GLN B 161 4.24 15.01 -17.18
CA GLN B 161 4.58 13.64 -17.59
C GLN B 161 3.38 12.96 -18.19
N VAL B 162 3.64 11.97 -19.03
CA VAL B 162 2.56 11.22 -19.66
C VAL B 162 2.92 9.76 -19.66
N VAL B 163 1.92 8.89 -19.62
CA VAL B 163 2.17 7.46 -19.62
C VAL B 163 0.93 6.71 -20.09
N ASN B 164 1.13 5.69 -20.93
CA ASN B 164 0.02 4.90 -21.45
C ASN B 164 -0.08 3.60 -20.64
N LEU B 165 -1.25 3.35 -20.07
CA LEU B 165 -1.47 2.18 -19.24
C LEU B 165 -2.64 1.36 -19.76
N PRO B 166 -2.54 0.02 -19.66
CA PRO B 166 -3.59 -0.88 -20.12
C PRO B 166 -4.68 -1.04 -19.06
N ILE B 167 -5.93 -1.17 -19.48
CA ILE B 167 -7.02 -1.36 -18.54
C ILE B 167 -6.91 -2.79 -18.02
N VAL B 168 -7.17 -2.98 -16.73
CA VAL B 168 -7.06 -4.28 -16.10
C VAL B 168 -8.41 -4.90 -15.78
N GLU B 169 -8.52 -6.21 -15.95
CA GLU B 169 -9.76 -6.92 -15.68
C GLU B 169 -10.16 -6.82 -14.22
N ARG B 170 -11.43 -6.48 -14.01
CA ARG B 170 -11.96 -6.31 -12.66
C ARG B 170 -11.58 -7.40 -11.65
N PRO B 171 -11.76 -8.68 -12.00
CA PRO B 171 -11.42 -9.76 -11.05
C PRO B 171 -9.93 -9.71 -10.71
N VAL B 172 -9.13 -9.46 -11.75
CA VAL B 172 -7.69 -9.36 -11.59
C VAL B 172 -7.39 -8.20 -10.64
N CYS B 173 -8.07 -7.08 -10.84
CA CYS B 173 -7.86 -5.93 -9.98
C CYS B 173 -8.18 -6.27 -8.53
N LYS B 174 -9.36 -6.86 -8.30
CA LYS B 174 -9.76 -7.22 -6.96
C LYS B 174 -8.76 -8.15 -6.28
N ASP B 175 -8.06 -8.97 -7.06
CA ASP B 175 -7.05 -9.88 -6.51
C ASP B 175 -5.88 -9.13 -5.89
N SER B 176 -5.66 -7.89 -6.32
CA SER B 176 -4.53 -7.10 -5.85
C SER B 176 -4.78 -6.13 -4.71
N THR B 177 -6.03 -5.94 -4.32
CA THR B 177 -6.35 -4.99 -3.27
C THR B 177 -7.34 -5.54 -2.26
N ARG B 178 -7.43 -4.89 -1.09
CA ARG B 178 -8.37 -5.29 -0.07
C ARG B 178 -9.46 -4.21 0.07
N ILE B 179 -9.38 -3.20 -0.79
CA ILE B 179 -10.33 -2.10 -0.84
C ILE B 179 -11.51 -2.56 -1.69
N ARG B 180 -12.72 -2.24 -1.25
CA ARG B 180 -13.91 -2.63 -1.99
C ARG B 180 -14.05 -1.83 -3.27
N ILE B 181 -13.55 -2.38 -4.37
CA ILE B 181 -13.65 -1.70 -5.65
C ILE B 181 -15.10 -1.76 -6.14
N THR B 182 -15.64 -0.63 -6.57
CA THR B 182 -17.02 -0.56 -7.03
C THR B 182 -17.09 -0.45 -8.54
N ASP B 183 -18.29 -0.54 -9.09
CA ASP B 183 -18.47 -0.45 -10.53
C ASP B 183 -18.35 0.98 -11.02
N ASN B 184 -18.12 1.91 -10.10
CA ASN B 184 -17.97 3.32 -10.45
C ASN B 184 -16.49 3.60 -10.59
N MET B 185 -15.71 2.53 -10.76
CA MET B 185 -14.28 2.65 -10.92
C MET B 185 -13.67 1.48 -11.68
N PHE B 186 -12.47 1.69 -12.21
CA PHE B 186 -11.76 0.64 -12.91
C PHE B 186 -10.28 0.75 -12.60
N CYS B 187 -9.50 -0.23 -13.04
CA CYS B 187 -8.08 -0.22 -12.77
C CYS B 187 -7.29 -0.26 -14.04
N ALA B 188 -6.01 0.06 -13.91
CA ALA B 188 -5.14 0.10 -15.05
C ALA B 188 -3.74 -0.08 -14.51
N GLY B 189 -2.86 -0.63 -15.33
CA GLY B 189 -1.49 -0.83 -14.92
C GLY B 189 -0.96 -2.04 -15.62
N TYR B 190 0.36 -2.18 -15.63
CA TYR B 190 0.98 -3.33 -16.26
C TYR B 190 1.23 -4.39 -15.20
N LYS B 191 1.47 -5.62 -15.64
CA LYS B 191 1.76 -6.72 -14.73
C LYS B 191 3.24 -6.53 -14.37
N PRO B 192 3.64 -6.89 -13.14
CA PRO B 192 5.05 -6.74 -12.75
C PRO B 192 6.05 -7.49 -13.65
N ASP B 193 5.60 -8.59 -14.26
CA ASP B 193 6.44 -9.36 -15.19
C ASP B 193 6.43 -8.52 -16.46
N GLU B 194 6.52 -7.22 -16.24
CA GLU B 194 6.47 -6.22 -17.28
C GLU B 194 7.60 -6.22 -18.31
N GLY B 195 7.22 -5.82 -19.51
CA GLY B 195 8.14 -5.65 -20.61
C GLY B 195 7.93 -4.17 -20.79
N LYS B 196 6.92 -3.70 -20.06
CA LYS B 196 6.47 -2.32 -20.03
C LYS B 196 6.22 -1.86 -18.58
N ARG B 197 6.97 -0.86 -18.12
CA ARG B 197 6.79 -0.34 -16.79
C ARG B 197 6.07 1.01 -16.94
N GLY B 198 5.68 1.64 -15.82
CA GLY B 198 4.99 2.91 -15.91
C GLY B 198 3.71 2.87 -15.10
N ASP B 199 3.48 3.89 -14.29
CA ASP B 199 2.29 3.92 -13.44
C ASP B 199 2.05 5.35 -12.97
N ALA B 200 0.85 5.61 -12.47
CA ALA B 200 0.51 6.93 -11.96
C ALA B 200 0.77 6.94 -10.46
N CYS B 201 1.08 8.12 -9.91
CA CYS B 201 1.35 8.24 -8.49
C CYS B 201 0.29 9.05 -7.76
N GLU B 202 0.47 9.23 -6.45
CA GLU B 202 -0.48 9.97 -5.65
C GLU B 202 -0.60 11.41 -6.15
N GLY B 203 0.53 11.97 -6.57
CA GLY B 203 0.54 13.34 -7.06
C GLY B 203 -0.25 13.56 -8.33
N ASP B 204 -0.58 12.48 -9.03
CA ASP B 204 -1.33 12.60 -10.27
C ASP B 204 -2.83 12.52 -10.05
N SER B 205 -3.25 12.38 -8.78
CA SER B 205 -4.68 12.31 -8.47
C SER B 205 -5.45 13.46 -9.12
N GLY B 206 -6.63 13.15 -9.65
CA GLY B 206 -7.45 14.18 -10.25
C GLY B 206 -7.19 14.39 -11.71
N GLY B 207 -6.03 13.90 -12.16
CA GLY B 207 -5.67 14.02 -13.55
C GLY B 207 -6.53 13.12 -14.40
N PRO B 208 -6.55 13.31 -15.71
CA PRO B 208 -7.37 12.50 -16.63
C PRO B 208 -6.76 11.19 -17.13
N PHE B 209 -7.65 10.26 -17.45
CA PHE B 209 -7.28 8.98 -18.03
C PHE B 209 -8.04 9.06 -19.35
N VAL B 210 -7.31 9.33 -20.42
CA VAL B 210 -7.93 9.50 -21.72
C VAL B 210 -7.66 8.38 -22.72
N MET B 211 -8.59 8.23 -23.65
CA MET B 211 -8.50 7.22 -24.72
C MET B 211 -8.94 7.88 -26.02
N LYS B 212 -8.20 7.61 -27.10
CA LYS B 212 -8.55 8.20 -28.39
C LYS B 212 -9.52 7.27 -29.12
N SER B 213 -10.67 7.81 -29.53
CA SER B 213 -11.65 6.98 -30.23
C SER B 213 -11.12 6.68 -31.62
N PRO B 214 -11.04 5.39 -31.98
CA PRO B 214 -10.54 5.08 -33.31
C PRO B 214 -11.60 5.37 -34.38
N PHE B 215 -12.80 5.75 -33.94
CA PHE B 215 -13.88 6.02 -34.87
C PHE B 215 -13.92 7.48 -35.33
N ASN B 216 -13.90 8.42 -34.40
CA ASN B 216 -13.91 9.83 -34.78
C ASN B 216 -12.64 10.54 -34.33
N ASN B 217 -11.64 9.75 -33.94
CA ASN B 217 -10.34 10.18 -33.44
C ASN B 217 -10.29 11.37 -32.47
N ARG B 218 -11.26 11.44 -31.58
CA ARG B 218 -11.31 12.48 -30.55
C ARG B 218 -10.81 11.82 -29.26
N TRP B 219 -10.29 12.63 -28.34
CA TRP B 219 -9.84 12.09 -27.06
C TRP B 219 -10.99 12.18 -26.06
N TYR B 220 -11.25 11.06 -25.38
CA TYR B 220 -12.31 10.99 -24.38
C TYR B 220 -11.72 10.75 -23.00
N GLN B 221 -12.30 11.36 -21.97
CA GLN B 221 -11.79 11.15 -20.62
C GLN B 221 -12.58 10.04 -19.98
N MET B 222 -12.01 8.84 -19.99
CA MET B 222 -12.68 7.68 -19.44
C MET B 222 -12.59 7.60 -17.93
N GLY B 223 -11.49 8.06 -17.37
CA GLY B 223 -11.39 8.01 -15.92
C GLY B 223 -10.67 9.18 -15.27
N ILE B 224 -10.65 9.15 -13.94
CA ILE B 224 -9.96 10.19 -13.18
C ILE B 224 -9.02 9.43 -12.23
N VAL B 225 -7.74 9.81 -12.21
CA VAL B 225 -6.81 9.16 -11.31
C VAL B 225 -7.41 9.33 -9.92
N SER B 226 -7.70 8.21 -9.27
CA SER B 226 -8.29 8.22 -7.94
C SER B 226 -7.26 7.76 -6.94
N TRP B 227 -6.50 6.74 -7.32
CA TRP B 227 -5.46 6.23 -6.45
C TRP B 227 -4.36 5.59 -7.25
N GLY B 228 -3.30 6.35 -7.51
CA GLY B 228 -2.17 5.82 -8.26
C GLY B 228 -1.19 5.34 -7.23
N LYS B 229 -0.68 4.12 -7.40
CA LYS B 229 0.23 3.55 -6.42
C LYS B 229 1.65 3.34 -6.93
N GLY B 230 1.99 4.03 -8.00
CA GLY B 230 3.31 3.89 -8.57
C GLY B 230 4.45 4.30 -7.66
N CYS B 231 4.23 5.27 -6.80
CA CYS B 231 5.26 5.75 -5.89
C CYS B 231 5.17 5.15 -4.48
N ASP B 232 4.17 4.30 -4.27
CA ASP B 232 3.93 3.67 -2.98
C ASP B 232 4.87 2.48 -2.76
N ARG B 233 4.88 1.95 -1.54
CA ARG B 233 5.74 0.81 -1.22
C ARG B 233 5.32 -0.42 -2.02
N ASP B 234 4.02 -0.55 -2.24
CA ASP B 234 3.45 -1.66 -3.00
C ASP B 234 2.17 -1.14 -3.67
N GLY B 235 1.60 -1.96 -4.57
CA GLY B 235 0.39 -1.56 -5.27
C GLY B 235 0.50 -2.05 -6.70
N LYS B 236 -0.23 -3.11 -7.01
CA LYS B 236 -0.15 -3.67 -8.35
C LYS B 236 -0.81 -2.82 -9.42
N TYR B 237 -1.97 -2.25 -9.09
CA TYR B 237 -2.70 -1.44 -10.08
C TYR B 237 -3.31 -0.16 -9.53
N GLY B 238 -3.60 0.78 -10.41
CA GLY B 238 -4.18 2.04 -9.98
C GLY B 238 -5.69 2.01 -10.05
N PHE B 239 -6.32 2.92 -9.32
CA PHE B 239 -7.77 3.00 -9.30
C PHE B 239 -8.21 4.31 -9.96
N TYR B 240 -9.10 4.20 -10.94
CA TYR B 240 -9.60 5.36 -11.65
C TYR B 240 -11.10 5.50 -11.51
N THR B 241 -11.58 6.72 -11.31
CA THR B 241 -13.01 6.96 -11.20
C THR B 241 -13.59 6.76 -12.60
N HIS B 242 -14.52 5.83 -12.70
CA HIS B 242 -15.18 5.52 -13.98
C HIS B 242 -16.03 6.73 -14.37
N VAL B 243 -15.52 7.55 -15.29
CA VAL B 243 -16.23 8.76 -15.69
C VAL B 243 -17.61 8.56 -16.31
N PHE B 244 -17.77 7.64 -17.25
CA PHE B 244 -19.07 7.43 -17.85
C PHE B 244 -20.08 6.99 -16.82
N ARG B 245 -19.67 6.09 -15.93
CA ARG B 245 -20.57 5.61 -14.89
C ARG B 245 -21.13 6.76 -14.07
N LEU B 246 -20.40 7.86 -14.00
CA LEU B 246 -20.84 9.02 -13.21
C LEU B 246 -21.29 10.23 -14.04
N LYS B 247 -21.48 10.05 -15.35
CA LYS B 247 -21.86 11.15 -16.20
C LYS B 247 -23.17 11.83 -15.83
N LYS B 248 -24.18 11.07 -15.43
CA LYS B 248 -25.46 11.68 -15.05
C LYS B 248 -25.28 12.75 -13.98
N TRP B 249 -24.45 12.48 -12.99
CA TRP B 249 -24.21 13.46 -11.94
C TRP B 249 -23.45 14.65 -12.53
N ILE B 250 -22.52 14.37 -13.43
CA ILE B 250 -21.74 15.43 -14.05
C ILE B 250 -22.65 16.36 -14.82
N GLN B 251 -23.42 15.81 -15.75
CA GLN B 251 -24.35 16.63 -16.53
C GLN B 251 -25.36 17.33 -15.62
N LYS B 252 -25.84 16.65 -14.59
CA LYS B 252 -26.81 17.27 -13.71
C LYS B 252 -26.28 18.57 -13.12
N VAL B 253 -25.07 18.51 -12.57
CA VAL B 253 -24.43 19.68 -11.99
C VAL B 253 -24.26 20.76 -13.05
N ILE B 254 -23.59 20.41 -14.14
CA ILE B 254 -23.37 21.35 -15.23
C ILE B 254 -24.67 21.98 -15.68
N ASP B 255 -25.67 21.16 -15.92
CA ASP B 255 -26.95 21.66 -16.37
C ASP B 255 -27.63 22.59 -15.36
N GLN B 256 -27.40 22.37 -14.08
CA GLN B 256 -28.03 23.18 -13.03
C GLN B 256 -27.27 24.41 -12.55
N PHE B 257 -25.95 24.42 -12.71
CA PHE B 257 -25.14 25.55 -12.25
C PHE B 257 -24.38 26.27 -13.36
N GLY B 258 -24.67 25.87 -14.59
CA GLY B 258 -24.03 26.50 -15.74
C GLY B 258 -25.13 27.09 -16.60
N GLU B 259 -24.80 28.07 -17.43
CA GLU B 259 -25.80 28.67 -18.30
C GLU B 259 -26.40 27.62 -19.23
N SER C 4 20.67 -24.25 25.12
CA SER C 4 19.75 -25.37 25.44
C SER C 4 18.28 -24.93 25.55
N GLY C 5 17.39 -25.90 25.71
CA GLY C 5 15.96 -25.62 25.82
C GLY C 5 15.15 -26.33 24.76
N GLU C 6 15.83 -26.79 23.71
CA GLU C 6 15.18 -27.48 22.59
C GLU C 6 14.44 -28.73 23.00
N ALA C 7 15.02 -29.52 23.89
CA ALA C 7 14.37 -30.74 24.32
C ALA C 7 12.93 -30.44 24.74
N ASP C 8 12.72 -29.27 25.35
CA ASP C 8 11.40 -28.90 25.82
C ASP C 8 10.76 -27.70 25.11
N CYS C 9 11.33 -27.28 23.99
CA CYS C 9 10.80 -26.14 23.23
C CYS C 9 9.32 -26.35 22.89
N GLY C 10 8.64 -25.26 22.56
CA GLY C 10 7.25 -25.33 22.17
C GLY C 10 6.21 -25.80 23.16
N LEU C 11 6.59 -25.98 24.42
CA LEU C 11 5.64 -26.43 25.43
C LEU C 11 5.49 -25.37 26.49
N ARG C 12 4.30 -24.77 26.54
CA ARG C 12 4.01 -23.69 27.47
C ARG C 12 3.68 -24.14 28.89
N PRO C 13 4.45 -23.64 29.87
CA PRO C 13 4.27 -23.96 31.29
C PRO C 13 2.84 -23.78 31.77
N LEU C 14 2.24 -22.63 31.47
CA LEU C 14 0.88 -22.36 31.92
C LEU C 14 -0.23 -22.97 31.05
N PHE C 15 0.17 -23.77 30.05
CA PHE C 15 -0.80 -24.40 29.15
C PHE C 15 -0.57 -25.89 28.90
N GLU C 16 0.33 -26.22 27.96
CA GLU C 16 0.59 -27.62 27.67
C GLU C 16 1.09 -28.39 28.90
N LYS C 17 1.88 -27.74 29.74
CA LYS C 17 2.42 -28.40 30.94
C LYS C 17 1.37 -28.64 32.00
N LYS C 18 0.31 -27.83 31.98
CA LYS C 18 -0.75 -27.96 32.97
C LYS C 18 -1.98 -28.55 32.30
N SER C 19 -1.79 -29.07 31.10
CA SER C 19 -2.89 -29.65 30.34
C SER C 19 -4.04 -28.66 30.16
N LEU C 20 -3.70 -27.40 29.89
CA LEU C 20 -4.72 -26.37 29.67
C LEU C 20 -4.57 -25.80 28.28
N GLU C 21 -5.68 -25.37 27.68
CA GLU C 21 -5.64 -24.80 26.34
C GLU C 21 -5.86 -23.30 26.44
N ASP C 22 -5.42 -22.55 25.42
CA ASP C 22 -5.67 -21.12 25.46
C ASP C 22 -6.96 -20.90 24.70
N LYS C 23 -7.53 -19.72 24.85
CA LYS C 23 -8.82 -19.38 24.26
C LYS C 23 -9.00 -19.56 22.76
N THR C 24 -7.92 -19.69 22.00
CA THR C 24 -8.10 -19.83 20.56
C THR C 24 -7.31 -20.91 19.84
N GLU C 25 -6.42 -21.61 20.54
CA GLU C 25 -5.64 -22.65 19.88
C GLU C 25 -6.54 -23.70 19.22
N ARG C 26 -7.74 -23.88 19.76
CA ARG C 26 -8.68 -24.85 19.21
C ARG C 26 -8.92 -24.48 17.75
N GLU C 27 -9.07 -23.19 17.52
CA GLU C 27 -9.31 -22.63 16.19
C GLU C 27 -8.18 -23.00 15.22
N LEU C 28 -6.97 -23.17 15.74
CA LEU C 28 -5.84 -23.53 14.90
C LEU C 28 -6.00 -24.99 14.46
N LEU C 29 -6.29 -25.86 15.42
CA LEU C 29 -6.45 -27.28 15.17
C LEU C 29 -7.53 -27.51 14.12
N GLU C 30 -8.63 -26.78 14.24
CA GLU C 30 -9.75 -26.92 13.31
C GLU C 30 -9.38 -26.57 11.89
N SER C 31 -8.46 -25.63 11.70
CA SER C 31 -8.09 -25.25 10.35
C SER C 31 -7.41 -26.40 9.59
N TYR C 32 -6.89 -27.38 10.34
CA TYR C 32 -6.22 -28.52 9.69
C TYR C 32 -7.25 -29.41 9.01
N ILE C 33 -8.45 -29.41 9.59
CA ILE C 33 -9.58 -30.17 9.07
C ILE C 33 -10.38 -29.17 8.23
N ASP C 34 -9.94 -28.95 6.99
CA ASP C 34 -10.55 -28.00 6.08
C ASP C 34 -11.85 -27.39 6.59
N ILE D 1 -1.04 -5.29 15.89
CA ILE D 1 -2.08 -6.30 15.56
C ILE D 1 -3.46 -5.66 15.49
N VAL D 2 -4.08 -5.74 14.33
CA VAL D 2 -5.41 -5.19 14.10
C VAL D 2 -6.44 -6.31 14.27
N GLU D 3 -7.52 -6.00 14.99
CA GLU D 3 -8.59 -6.97 15.21
C GLU D 3 -8.13 -8.21 15.93
N GLY D 4 -7.20 -8.06 16.87
CA GLY D 4 -6.74 -9.23 17.61
C GLY D 4 -7.40 -9.23 18.96
N SER D 5 -6.73 -9.80 19.95
CA SER D 5 -7.27 -9.83 21.30
C SER D 5 -6.08 -9.83 22.24
N ASP D 6 -6.35 -9.63 23.52
CA ASP D 6 -5.28 -9.62 24.50
C ASP D 6 -4.80 -11.04 24.72
N ALA D 7 -3.49 -11.21 24.71
CA ALA D 7 -2.91 -12.52 24.92
C ALA D 7 -3.08 -12.88 26.39
N GLU D 8 -3.35 -14.16 26.66
CA GLU D 8 -3.50 -14.63 28.02
C GLU D 8 -2.10 -14.65 28.62
N ILE D 9 -2.01 -14.72 29.95
CA ILE D 9 -0.71 -14.73 30.60
C ILE D 9 0.08 -15.99 30.24
N GLY D 10 1.32 -15.80 29.75
CA GLY D 10 2.14 -16.94 29.37
C GLY D 10 1.64 -17.69 28.14
N MET D 11 0.82 -17.04 27.33
CA MET D 11 0.28 -17.66 26.12
C MET D 11 1.33 -17.71 25.01
N SER D 12 2.30 -16.81 25.09
CA SER D 12 3.35 -16.74 24.09
C SER D 12 4.66 -16.45 24.82
N PRO D 13 5.12 -17.39 25.65
CA PRO D 13 6.35 -17.27 26.45
C PRO D 13 7.63 -17.09 25.65
N TRP D 14 7.54 -17.21 24.33
CA TRP D 14 8.72 -17.03 23.49
C TRP D 14 8.72 -15.61 22.93
N GLN D 15 7.71 -14.84 23.34
CA GLN D 15 7.58 -13.46 22.88
C GLN D 15 8.74 -12.61 23.40
N VAL D 16 9.33 -11.83 22.51
CA VAL D 16 10.44 -10.96 22.85
C VAL D 16 10.17 -9.57 22.31
N MET D 17 10.64 -8.54 23.03
CA MET D 17 10.44 -7.16 22.59
C MET D 17 11.78 -6.53 22.27
N LEU D 18 11.96 -6.08 21.04
CA LEU D 18 13.21 -5.41 20.67
C LEU D 18 13.07 -3.92 20.98
N PHE D 19 14.09 -3.36 21.63
CA PHE D 19 14.10 -1.94 21.99
C PHE D 19 15.36 -1.21 21.57
N ARG D 20 15.23 0.12 21.52
CA ARG D 20 16.35 1.00 21.23
C ARG D 20 16.70 1.50 22.63
N LYS D 21 17.98 1.58 22.97
CA LYS D 21 18.36 2.05 24.30
C LYS D 21 17.97 3.52 24.52
N SER D 22 18.51 4.41 23.70
CA SER D 22 18.17 5.82 23.84
C SER D 22 17.93 6.50 22.49
N PRO D 23 16.75 7.08 22.30
CA PRO D 23 15.71 7.07 23.36
C PRO D 23 15.03 5.69 23.43
N GLN D 24 14.67 5.27 24.64
CA GLN D 24 14.02 3.96 24.82
C GLN D 24 12.71 3.83 24.08
N GLU D 25 12.76 3.31 22.85
CA GLU D 25 11.55 3.12 22.09
C GLU D 25 11.43 1.67 21.64
N LEU D 26 10.22 1.14 21.70
CA LEU D 26 9.97 -0.23 21.27
C LEU D 26 10.10 -0.23 19.74
N LEU D 27 10.96 -1.09 19.21
CA LEU D 27 11.19 -1.15 17.77
C LEU D 27 10.45 -2.24 17.03
N CYS D 28 10.65 -3.48 17.48
CA CYS D 28 10.06 -4.63 16.84
C CYS D 28 9.70 -5.76 17.80
N GLY D 29 9.38 -6.89 17.21
CA GLY D 29 9.06 -8.08 17.96
C GLY D 29 10.15 -9.07 17.64
N ALA D 30 10.21 -10.15 18.41
CA ALA D 30 11.21 -11.18 18.17
C ALA D 30 10.78 -12.40 18.95
N SER D 31 11.47 -13.51 18.76
CA SER D 31 11.10 -14.72 19.49
C SER D 31 12.30 -15.40 20.14
N LEU D 32 12.04 -16.04 21.26
CA LEU D 32 13.06 -16.75 22.00
C LEU D 32 13.14 -18.16 21.46
N ILE D 33 14.29 -18.55 20.93
CA ILE D 33 14.43 -19.91 20.40
C ILE D 33 15.41 -20.76 21.21
N SER D 34 15.81 -20.25 22.37
CA SER D 34 16.73 -20.93 23.30
C SER D 34 17.08 -19.93 24.40
N ASP D 35 17.87 -20.36 25.37
CA ASP D 35 18.24 -19.48 26.47
C ASP D 35 19.06 -18.27 26.04
N ARG D 36 19.81 -18.40 24.94
CA ARG D 36 20.66 -17.30 24.50
C ARG D 36 20.40 -16.75 23.10
N TRP D 37 19.52 -17.40 22.34
CA TRP D 37 19.24 -16.93 20.98
C TRP D 37 17.85 -16.38 20.76
N VAL D 38 17.80 -15.28 20.00
CA VAL D 38 16.54 -14.61 19.69
C VAL D 38 16.42 -14.38 18.18
N LEU D 39 15.26 -14.75 17.64
CA LEU D 39 14.99 -14.63 16.23
C LEU D 39 14.13 -13.40 15.97
N THR D 40 14.42 -12.70 14.88
CA THR D 40 13.68 -11.50 14.52
C THR D 40 13.78 -11.25 13.01
N ALA D 41 13.24 -10.12 12.55
CA ALA D 41 13.29 -9.77 11.14
C ALA D 41 14.46 -8.83 10.91
N ALA D 42 15.22 -9.10 9.85
CA ALA D 42 16.38 -8.30 9.52
C ALA D 42 16.08 -6.81 9.37
N HIS D 43 15.04 -6.47 8.61
CA HIS D 43 14.72 -5.06 8.39
C HIS D 43 14.42 -4.33 9.68
N CYS D 44 14.39 -5.06 10.79
CA CYS D 44 14.15 -4.42 12.08
C CYS D 44 15.46 -3.83 12.57
N LEU D 45 16.56 -4.40 12.09
CA LEU D 45 17.89 -3.97 12.46
C LEU D 45 18.53 -3.14 11.37
N LEU D 46 18.34 -3.55 10.11
CA LEU D 46 18.94 -2.87 8.97
C LEU D 46 17.93 -2.62 7.86
N TYR D 47 17.60 -1.35 7.67
CA TYR D 47 16.66 -0.94 6.61
C TYR D 47 16.93 0.52 6.29
N PRO D 48 17.90 0.78 5.41
CA PRO D 48 18.29 2.13 4.97
C PRO D 48 17.11 3.05 4.63
N PRO D 49 16.05 2.51 4.00
CA PRO D 49 14.88 3.34 3.65
C PRO D 49 14.25 4.06 4.85
N TRP D 50 14.32 3.47 6.04
CA TRP D 50 13.73 4.11 7.21
C TRP D 50 14.80 4.52 8.21
N ASP D 51 16.01 4.78 7.69
CA ASP D 51 17.15 5.21 8.50
C ASP D 51 17.43 4.25 9.65
N LYS D 52 17.29 2.95 9.39
CA LYS D 52 17.54 1.95 10.39
C LYS D 52 18.82 1.18 10.11
N ASN D 53 19.74 1.25 11.07
CA ASN D 53 21.03 0.57 11.02
C ASN D 53 21.41 0.49 12.49
N PHE D 54 21.15 -0.66 13.10
CA PHE D 54 21.43 -0.84 14.51
C PHE D 54 22.56 -1.82 14.81
N THR D 55 23.27 -1.54 15.90
CA THR D 55 24.36 -2.37 16.36
C THR D 55 24.00 -2.89 17.76
N GLU D 56 24.59 -4.02 18.13
CA GLU D 56 24.34 -4.68 19.41
C GLU D 56 24.11 -3.80 20.63
N ASN D 57 24.73 -2.63 20.67
CA ASN D 57 24.59 -1.75 21.84
C ASN D 57 23.39 -0.82 21.78
N ASP D 58 22.99 -0.45 20.57
CA ASP D 58 21.85 0.44 20.39
C ASP D 58 20.59 -0.26 20.88
N LEU D 59 20.61 -1.58 20.81
CA LEU D 59 19.46 -2.39 21.17
C LEU D 59 19.49 -3.03 22.54
N LEU D 60 18.29 -3.43 22.97
CA LEU D 60 18.06 -4.06 24.26
C LEU D 60 16.80 -4.92 24.08
N VAL D 61 16.73 -6.04 24.78
CA VAL D 61 15.59 -6.94 24.67
C VAL D 61 14.80 -7.12 25.97
N ARG D 62 13.51 -7.39 25.86
CA ARG D 62 12.66 -7.63 27.04
C ARG D 62 11.81 -8.86 26.80
N ILE D 63 12.01 -9.85 27.66
CA ILE D 63 11.32 -11.13 27.58
C ILE D 63 10.35 -11.28 28.75
N GLY D 64 9.35 -12.14 28.58
CA GLY D 64 8.39 -12.38 29.63
C GLY D 64 7.31 -11.33 29.82
N LYS D 65 7.39 -10.20 29.12
CA LYS D 65 6.40 -9.13 29.28
C LYS D 65 5.00 -9.44 28.77
N HIS D 66 4.00 -8.77 29.34
CA HIS D 66 2.61 -8.97 28.95
C HIS D 66 1.91 -7.63 28.82
N SER D 67 2.39 -6.64 29.56
CA SER D 67 1.83 -5.30 29.53
C SER D 67 2.94 -4.37 29.06
N ARG D 68 2.67 -3.59 28.03
CA ARG D 68 3.64 -2.66 27.47
C ARG D 68 4.00 -1.53 28.43
N THR D 69 3.04 -1.13 29.26
CA THR D 69 3.26 -0.06 30.21
C THR D 69 3.87 -0.59 31.52
N ARG D 70 2.98 -1.03 32.42
CA ARG D 70 3.33 -1.57 33.72
C ARG D 70 4.57 -2.46 33.73
N TYR D 71 5.46 -2.21 34.69
CA TYR D 71 6.69 -3.00 34.83
C TYR D 71 6.31 -4.25 35.62
N GLU D 72 6.58 -5.42 35.04
CA GLU D 72 6.24 -6.69 35.68
C GLU D 72 7.41 -7.29 36.44
N ARG D 73 7.54 -6.88 37.70
CA ARG D 73 8.62 -7.30 38.58
C ARG D 73 8.72 -8.81 38.81
N ASN D 74 9.92 -9.34 38.62
CA ASN D 74 10.15 -10.77 38.81
C ASN D 74 9.40 -11.62 37.78
N ILE D 75 9.06 -11.00 36.66
CA ILE D 75 8.37 -11.68 35.60
C ILE D 75 9.04 -11.39 34.27
N GLU D 76 9.22 -10.10 33.97
CA GLU D 76 9.87 -9.73 32.72
C GLU D 76 11.38 -9.77 32.91
N LYS D 77 12.13 -9.81 31.83
CA LYS D 77 13.58 -9.86 31.88
C LYS D 77 14.22 -9.04 30.77
N ILE D 78 15.19 -8.21 31.14
CA ILE D 78 15.89 -7.39 30.18
C ILE D 78 17.16 -8.13 29.83
N SER D 79 17.69 -7.89 28.65
CA SER D 79 18.92 -8.57 28.25
C SER D 79 19.66 -7.79 27.19
N MET D 80 20.97 -7.64 27.36
CA MET D 80 21.74 -6.91 26.38
C MET D 80 22.12 -7.87 25.28
N LEU D 81 22.54 -7.32 24.15
CA LEU D 81 22.91 -8.14 23.01
C LEU D 81 24.40 -8.30 22.84
N GLU D 82 24.83 -9.54 22.62
CA GLU D 82 26.24 -9.84 22.42
C GLU D 82 26.60 -9.66 20.96
N LYS D 83 25.83 -10.28 20.06
CA LYS D 83 26.12 -10.18 18.64
C LYS D 83 24.88 -10.21 17.76
N ILE D 84 24.93 -9.47 16.65
CA ILE D 84 23.82 -9.42 15.71
C ILE D 84 24.22 -10.12 14.43
N TYR D 85 23.35 -11.01 13.96
CA TYR D 85 23.61 -11.76 12.74
C TYR D 85 22.47 -11.58 11.75
N ILE D 86 22.74 -10.87 10.66
CA ILE D 86 21.74 -10.65 9.63
C ILE D 86 22.07 -11.54 8.45
N HIS D 87 21.10 -12.32 7.97
CA HIS D 87 21.33 -13.22 6.85
C HIS D 87 22.08 -12.48 5.75
N PRO D 88 23.16 -13.08 5.25
CA PRO D 88 24.00 -12.51 4.19
C PRO D 88 23.30 -12.17 2.88
N ARG D 89 22.30 -12.95 2.49
CA ARG D 89 21.58 -12.70 1.23
C ARG D 89 20.31 -11.89 1.41
N TYR D 90 20.20 -11.20 2.55
CA TYR D 90 19.04 -10.36 2.85
C TYR D 90 18.94 -9.22 1.83
N ASN D 91 17.86 -9.24 1.05
CA ASN D 91 17.63 -8.24 0.02
C ASN D 91 16.55 -7.23 0.44
N TRP D 92 16.99 -6.08 0.91
CA TRP D 92 16.06 -5.04 1.35
C TRP D 92 15.73 -4.07 0.25
N ARG D 93 16.58 -4.01 -0.77
CA ARG D 93 16.37 -3.10 -1.87
C ARG D 93 15.15 -3.48 -2.70
N GLU D 94 14.82 -4.75 -2.75
CA GLU D 94 13.69 -5.19 -3.57
C GLU D 94 12.44 -5.72 -2.87
N ASN D 95 12.54 -6.91 -2.29
CA ASN D 95 11.39 -7.55 -1.66
C ASN D 95 11.52 -8.02 -0.22
N LEU D 96 12.59 -7.68 0.46
CA LEU D 96 12.77 -8.13 1.83
C LEU D 96 12.91 -9.65 1.88
N ASP D 97 13.46 -10.21 0.81
CA ASP D 97 13.70 -11.64 0.72
C ASP D 97 14.72 -11.98 1.80
N ARG D 98 14.55 -13.12 2.46
CA ARG D 98 15.46 -13.53 3.52
C ARG D 98 15.53 -12.46 4.60
N ASP D 99 14.36 -11.98 4.99
CA ASP D 99 14.25 -10.95 6.04
C ASP D 99 14.27 -11.64 7.39
N ILE D 100 15.47 -12.05 7.81
CA ILE D 100 15.65 -12.74 9.07
C ILE D 100 16.96 -12.34 9.74
N ALA D 101 17.00 -12.45 11.07
CA ALA D 101 18.19 -12.10 11.84
C ALA D 101 18.24 -12.81 13.18
N LEU D 102 19.45 -13.14 13.63
CA LEU D 102 19.65 -13.78 14.93
C LEU D 102 20.37 -12.79 15.84
N MET D 103 20.06 -12.85 17.13
CA MET D 103 20.69 -11.99 18.11
C MET D 103 21.05 -12.86 19.30
N LYS D 104 22.34 -12.90 19.63
CA LYS D 104 22.82 -13.69 20.75
C LYS D 104 22.83 -12.80 21.99
N LEU D 105 22.14 -13.24 23.03
CA LEU D 105 22.07 -12.47 24.27
C LEU D 105 23.39 -12.55 25.01
N LYS D 106 23.78 -11.46 25.66
CA LYS D 106 25.03 -11.44 26.43
C LYS D 106 25.03 -12.56 27.45
N LYS D 107 23.96 -12.63 28.24
CA LYS D 107 23.81 -13.67 29.25
C LYS D 107 22.51 -14.44 29.04
N PRO D 108 22.55 -15.78 29.17
CA PRO D 108 21.36 -16.61 28.99
C PRO D 108 20.22 -16.11 29.86
N VAL D 109 18.99 -16.39 29.45
CA VAL D 109 17.84 -15.98 30.22
C VAL D 109 17.23 -17.19 30.90
N ALA D 110 16.69 -17.00 32.09
CA ALA D 110 16.10 -18.12 32.81
C ALA D 110 14.67 -18.31 32.36
N PHE D 111 14.30 -19.56 32.12
CA PHE D 111 12.94 -19.88 31.69
C PHE D 111 12.00 -19.85 32.89
N SER D 112 10.70 -19.78 32.63
CA SER D 112 9.71 -19.71 33.69
C SER D 112 8.32 -19.87 33.09
N ASP D 113 7.28 -19.57 33.86
CA ASP D 113 5.93 -19.69 33.32
C ASP D 113 5.76 -18.66 32.22
N TYR D 114 6.55 -17.60 32.28
CA TYR D 114 6.42 -16.51 31.33
C TYR D 114 7.51 -16.44 30.26
N ILE D 115 8.50 -17.32 30.35
CA ILE D 115 9.60 -17.32 29.38
C ILE D 115 9.98 -18.75 29.00
N HIS D 116 9.81 -19.10 27.74
CA HIS D 116 10.13 -20.44 27.27
C HIS D 116 10.35 -20.35 25.77
N PRO D 117 11.39 -21.03 25.24
CA PRO D 117 11.62 -20.95 23.80
C PRO D 117 10.56 -21.69 22.99
N VAL D 118 10.54 -21.39 21.70
CA VAL D 118 9.61 -22.00 20.77
C VAL D 118 10.42 -22.93 19.86
N CYS D 119 9.78 -23.97 19.32
CA CYS D 119 10.50 -24.88 18.44
C CYS D 119 10.61 -24.36 17.02
N LEU D 120 11.69 -24.74 16.35
CA LEU D 120 11.91 -24.39 14.96
C LEU D 120 11.41 -25.61 14.19
N PRO D 121 10.78 -25.40 13.04
CA PRO D 121 10.29 -26.58 12.31
C PRO D 121 11.35 -27.46 11.65
N ASP D 122 11.00 -28.71 11.44
CA ASP D 122 11.86 -29.69 10.78
C ASP D 122 11.15 -29.98 9.47
N ARG D 123 11.82 -30.64 8.54
CA ARG D 123 11.22 -30.92 7.25
C ARG D 123 9.79 -31.47 7.33
N GLU D 124 9.56 -32.49 8.16
CA GLU D 124 8.21 -33.07 8.26
C GLU D 124 7.14 -32.10 8.72
N THR D 125 7.46 -31.23 9.69
CA THR D 125 6.47 -30.28 10.19
C THR D 125 6.20 -29.15 9.19
N ALA D 126 7.25 -28.66 8.55
CA ALA D 126 7.08 -27.59 7.59
C ALA D 126 6.22 -28.09 6.45
N ALA D 127 6.54 -29.28 5.94
CA ALA D 127 5.79 -29.87 4.84
C ALA D 127 4.36 -30.19 5.25
N SER D 128 4.21 -30.61 6.49
CA SER D 128 2.90 -30.99 7.01
C SER D 128 1.99 -29.85 7.40
N LEU D 129 2.53 -28.83 8.08
CA LEU D 129 1.72 -27.71 8.55
C LEU D 129 1.68 -26.46 7.67
N LEU D 130 2.76 -26.17 6.97
CA LEU D 130 2.83 -24.98 6.14
C LEU D 130 2.04 -25.16 4.84
N GLN D 131 0.72 -25.20 4.98
CA GLN D 131 -0.17 -25.37 3.83
C GLN D 131 -1.29 -24.35 3.81
N ALA D 132 -1.75 -23.99 2.60
CA ALA D 132 -2.80 -22.99 2.46
C ALA D 132 -4.05 -23.42 3.21
N GLY D 133 -4.70 -22.47 3.88
CA GLY D 133 -5.90 -22.78 4.62
C GLY D 133 -5.60 -22.95 6.09
N TYR D 134 -4.50 -23.63 6.39
CA TYR D 134 -4.09 -23.87 7.77
C TYR D 134 -3.87 -22.53 8.45
N LYS D 135 -4.16 -22.46 9.74
CA LYS D 135 -3.96 -21.21 10.44
C LYS D 135 -2.76 -21.19 11.37
N GLY D 136 -2.13 -20.04 11.42
CA GLY D 136 -0.98 -19.83 12.28
C GLY D 136 -1.39 -18.71 13.21
N ARG D 137 -0.54 -18.42 14.18
CA ARG D 137 -0.84 -17.36 15.13
C ARG D 137 0.24 -16.30 15.13
N VAL D 138 -0.17 -15.04 15.10
CA VAL D 138 0.78 -13.95 15.13
C VAL D 138 0.55 -13.15 16.41
N THR D 139 1.64 -12.66 17.00
CA THR D 139 1.54 -11.89 18.23
C THR D 139 2.46 -10.69 18.19
N GLY D 140 2.10 -9.64 18.92
CA GLY D 140 2.91 -8.44 18.94
C GLY D 140 2.26 -7.22 19.55
N TRP D 141 3.01 -6.12 19.56
CA TRP D 141 2.54 -4.87 20.14
C TRP D 141 2.27 -3.76 19.13
N GLY D 142 2.32 -4.07 17.84
CA GLY D 142 2.06 -3.06 16.82
C GLY D 142 0.71 -2.39 17.00
N ASN D 143 0.46 -1.29 16.29
CA ASN D 143 -0.80 -0.57 16.44
C ASN D 143 -2.09 -1.39 16.29
N LEU D 144 -3.09 -0.96 17.04
CA LEU D 144 -4.40 -1.59 17.05
C LEU D 144 -5.21 -1.15 15.85
N LYS D 145 -4.73 -0.13 15.16
CA LYS D 145 -5.42 0.37 13.97
C LYS D 145 -4.60 1.20 13.02
N GLU D 146 -5.25 1.57 11.92
CA GLU D 146 -4.66 2.37 10.85
C GLU D 146 -3.53 3.30 11.31
N THR D 147 -2.43 3.29 10.57
CA THR D 147 -1.31 4.16 10.91
C THR D 147 -0.80 4.90 9.68
N TRP D 148 -1.61 4.93 8.62
CA TRP D 148 -1.20 5.62 7.40
C TRP D 148 -1.57 7.10 7.40
N THR D 149 -2.44 7.51 8.32
CA THR D 149 -2.81 8.91 8.42
C THR D 149 -1.76 9.53 9.33
N ALA D 150 -2.11 10.64 9.99
CA ALA D 150 -1.15 11.32 10.86
C ALA D 150 -1.16 10.86 12.32
N ASN D 151 -0.04 11.11 13.00
CA ASN D 151 0.12 10.78 14.41
C ASN D 151 0.44 9.32 14.66
N VAL D 152 1.39 9.08 15.56
CA VAL D 152 1.82 7.73 15.92
C VAL D 152 1.25 7.40 17.31
N GLY D 153 1.00 8.46 18.09
CA GLY D 153 0.48 8.33 19.44
C GLY D 153 -0.67 7.37 19.71
N LYS D 154 -1.77 7.54 19.00
CA LYS D 154 -2.93 6.68 19.20
C LYS D 154 -2.72 5.23 18.74
N GLY D 155 -3.66 4.36 19.12
CA GLY D 155 -3.63 2.97 18.72
C GLY D 155 -2.59 2.00 19.29
N GLN D 156 -1.87 2.40 20.33
CA GLN D 156 -0.87 1.49 20.91
C GLN D 156 -1.48 0.59 21.96
N PRO D 157 -1.34 -0.73 21.78
CA PRO D 157 -1.88 -1.74 22.70
C PRO D 157 -1.22 -1.70 24.08
N SER D 158 -2.04 -1.91 25.12
CA SER D 158 -1.52 -1.91 26.48
C SER D 158 -0.92 -3.27 26.84
N VAL D 159 -1.52 -4.33 26.30
CA VAL D 159 -1.02 -5.68 26.55
C VAL D 159 -0.83 -6.45 25.24
N LEU D 160 0.07 -7.42 25.25
CA LEU D 160 0.37 -8.23 24.09
C LEU D 160 -0.89 -8.65 23.33
N GLN D 161 -0.89 -8.41 22.02
CA GLN D 161 -2.01 -8.74 21.16
C GLN D 161 -1.77 -10.05 20.43
N VAL D 162 -2.85 -10.76 20.12
CA VAL D 162 -2.73 -12.03 19.43
C VAL D 162 -3.84 -12.19 18.39
N VAL D 163 -3.51 -12.85 17.28
CA VAL D 163 -4.48 -13.08 16.21
C VAL D 163 -4.07 -14.30 15.39
N ASN D 164 -5.05 -15.10 14.98
CA ASN D 164 -4.77 -16.29 14.17
C ASN D 164 -5.10 -16.01 12.71
N LEU D 165 -4.13 -16.24 11.84
CA LEU D 165 -4.28 -15.99 10.40
C LEU D 165 -4.04 -17.21 9.56
N PRO D 166 -4.86 -17.40 8.51
CA PRO D 166 -4.71 -18.56 7.64
C PRO D 166 -3.63 -18.32 6.59
N ILE D 167 -2.91 -19.38 6.24
CA ILE D 167 -1.85 -19.32 5.23
C ILE D 167 -2.49 -19.16 3.85
N VAL D 168 -1.97 -18.24 3.06
CA VAL D 168 -2.50 -17.97 1.73
C VAL D 168 -1.77 -18.74 0.64
N GLU D 169 -2.49 -19.09 -0.42
CA GLU D 169 -1.90 -19.83 -1.54
C GLU D 169 -0.89 -18.98 -2.30
N ARG D 170 0.29 -19.55 -2.51
CA ARG D 170 1.34 -18.84 -3.18
C ARG D 170 0.93 -17.98 -4.38
N PRO D 171 0.17 -18.54 -5.33
CA PRO D 171 -0.24 -17.73 -6.49
C PRO D 171 -1.23 -16.65 -6.11
N VAL D 172 -2.14 -16.97 -5.19
CA VAL D 172 -3.13 -16.01 -4.76
C VAL D 172 -2.49 -14.75 -4.24
N CYS D 173 -1.37 -14.86 -3.52
CA CYS D 173 -0.80 -13.63 -3.04
C CYS D 173 0.20 -13.01 -3.98
N LYS D 174 0.78 -13.81 -4.86
CA LYS D 174 1.70 -13.23 -5.81
C LYS D 174 0.87 -12.22 -6.62
N ASP D 175 -0.42 -12.50 -6.77
CA ASP D 175 -1.32 -11.62 -7.51
C ASP D 175 -1.84 -10.47 -6.68
N SER D 176 -1.42 -10.41 -5.44
CA SER D 176 -1.89 -9.36 -4.56
C SER D 176 -0.82 -8.30 -4.39
N THR D 177 0.34 -8.52 -4.97
CA THR D 177 1.42 -7.57 -4.83
C THR D 177 2.27 -7.46 -6.08
N ARG D 178 2.93 -6.32 -6.25
CA ARG D 178 3.78 -6.16 -7.40
C ARG D 178 5.18 -6.47 -6.92
N ILE D 179 5.23 -7.07 -5.74
CA ILE D 179 6.49 -7.45 -5.12
C ILE D 179 6.81 -8.93 -5.37
N ARG D 180 8.05 -9.20 -5.82
CA ARG D 180 8.51 -10.54 -6.13
C ARG D 180 8.55 -11.42 -4.91
N ILE D 181 7.55 -12.28 -4.74
CA ILE D 181 7.51 -13.17 -3.59
C ILE D 181 8.32 -14.44 -3.84
N THR D 182 9.45 -14.54 -3.14
CA THR D 182 10.35 -15.68 -3.27
C THR D 182 9.86 -16.90 -2.50
N ASP D 183 10.57 -18.02 -2.66
CA ASP D 183 10.22 -19.25 -1.97
C ASP D 183 10.60 -19.16 -0.50
N ASN D 184 11.40 -18.15 -0.16
CA ASN D 184 11.85 -17.96 1.22
C ASN D 184 10.87 -17.12 2.03
N MET D 185 9.63 -17.06 1.54
CA MET D 185 8.60 -16.32 2.22
C MET D 185 7.23 -16.87 1.86
N PHE D 186 6.23 -16.61 2.69
CA PHE D 186 4.87 -17.05 2.43
C PHE D 186 3.93 -15.98 2.93
N CYS D 187 2.69 -16.00 2.45
CA CYS D 187 1.71 -15.01 2.85
C CYS D 187 0.69 -15.60 3.80
N ALA D 188 0.01 -14.73 4.53
CA ALA D 188 -1.01 -15.15 5.48
C ALA D 188 -1.98 -14.00 5.68
N GLY D 189 -3.25 -14.32 5.87
CA GLY D 189 -4.26 -13.31 6.05
C GLY D 189 -5.59 -13.73 5.47
N TYR D 190 -6.67 -13.14 5.98
CA TYR D 190 -8.00 -13.45 5.50
C TYR D 190 -8.31 -12.66 4.24
N LYS D 191 -9.11 -13.25 3.36
CA LYS D 191 -9.52 -12.55 2.16
C LYS D 191 -10.69 -11.72 2.68
N PRO D 192 -10.87 -10.50 2.14
CA PRO D 192 -11.99 -9.67 2.63
C PRO D 192 -13.37 -10.34 2.67
N ASP D 193 -13.52 -11.47 1.97
CA ASP D 193 -14.80 -12.23 1.99
C ASP D 193 -14.99 -12.59 3.45
N GLU D 194 -14.38 -13.71 3.83
CA GLU D 194 -14.40 -14.26 5.18
C GLU D 194 -14.68 -13.15 6.19
N GLY D 195 -15.65 -13.41 7.08
CA GLY D 195 -15.99 -12.41 8.07
C GLY D 195 -14.82 -12.13 8.98
N LYS D 196 -14.29 -13.18 9.60
CA LYS D 196 -13.15 -13.08 10.50
C LYS D 196 -12.07 -12.14 9.97
N ARG D 197 -11.85 -11.05 10.70
CA ARG D 197 -10.81 -10.10 10.33
C ARG D 197 -9.65 -10.27 11.32
N GLY D 198 -8.58 -9.51 11.11
CA GLY D 198 -7.43 -9.64 11.99
C GLY D 198 -6.21 -9.62 11.10
N ASP D 199 -5.15 -8.96 11.54
CA ASP D 199 -3.97 -8.86 10.71
C ASP D 199 -2.79 -8.29 11.49
N ALA D 200 -1.59 -8.45 10.94
CA ALA D 200 -0.38 -7.94 11.57
C ALA D 200 -0.03 -6.59 10.97
N CYS D 201 0.54 -5.71 11.78
CA CYS D 201 0.92 -4.38 11.34
C CYS D 201 2.43 -4.25 11.35
N GLU D 202 2.94 -3.17 10.78
CA GLU D 202 4.39 -2.95 10.70
C GLU D 202 5.06 -3.09 12.06
N GLY D 203 4.44 -2.54 13.09
CA GLY D 203 5.02 -2.63 14.42
C GLY D 203 5.15 -4.05 14.94
N ASP D 204 4.65 -5.02 14.18
CA ASP D 204 4.73 -6.41 14.61
C ASP D 204 5.85 -7.17 13.90
N SER D 205 6.58 -6.45 13.05
CA SER D 205 7.68 -7.05 12.31
C SER D 205 8.65 -7.77 13.24
N GLY D 206 9.20 -8.88 12.76
CA GLY D 206 10.16 -9.63 13.57
C GLY D 206 9.53 -10.56 14.59
N GLY D 207 8.24 -10.37 14.85
CA GLY D 207 7.55 -11.22 15.79
C GLY D 207 7.35 -12.57 15.15
N PRO D 208 6.95 -13.58 15.92
CA PRO D 208 6.73 -14.94 15.41
C PRO D 208 5.36 -15.33 14.85
N PHE D 209 5.40 -16.20 13.84
CA PHE D 209 4.20 -16.76 13.24
C PHE D 209 4.32 -18.23 13.66
N VAL D 210 3.52 -18.62 14.65
CA VAL D 210 3.57 -19.98 15.17
C VAL D 210 2.34 -20.83 14.84
N MET D 211 2.53 -22.15 14.91
CA MET D 211 1.47 -23.10 14.65
C MET D 211 1.66 -24.22 15.64
N LYS D 212 0.57 -24.79 16.15
CA LYS D 212 0.68 -25.88 17.11
C LYS D 212 0.54 -27.22 16.42
N SER D 213 1.64 -27.95 16.30
CA SER D 213 1.59 -29.25 15.65
C SER D 213 0.64 -30.14 16.41
N PRO D 214 -0.32 -30.74 15.70
CA PRO D 214 -1.30 -31.63 16.32
C PRO D 214 -0.69 -33.00 16.55
N PHE D 215 0.50 -33.18 15.98
CA PHE D 215 1.21 -34.46 16.08
C PHE D 215 1.96 -34.64 17.37
N ASN D 216 2.44 -33.54 17.96
CA ASN D 216 3.20 -33.65 19.21
C ASN D 216 2.87 -32.55 20.19
N ASN D 217 1.86 -31.74 19.87
CA ASN D 217 1.44 -30.64 20.74
C ASN D 217 2.45 -29.54 21.02
N ARG D 218 3.46 -29.39 20.15
CA ARG D 218 4.45 -28.36 20.38
C ARG D 218 4.25 -27.19 19.43
N TRP D 219 4.48 -25.98 19.93
CA TRP D 219 4.33 -24.79 19.09
C TRP D 219 5.59 -24.59 18.27
N TYR D 220 5.39 -24.36 16.97
CA TYR D 220 6.50 -24.16 16.05
C TYR D 220 6.47 -22.79 15.41
N GLN D 221 7.64 -22.20 15.22
CA GLN D 221 7.72 -20.91 14.57
C GLN D 221 7.90 -21.14 13.08
N MET D 222 6.82 -20.99 12.33
CA MET D 222 6.87 -21.22 10.89
C MET D 222 7.34 -20.00 10.13
N GLY D 223 7.06 -18.82 10.67
CA GLY D 223 7.49 -17.60 9.99
C GLY D 223 7.81 -16.45 10.91
N ILE D 224 8.28 -15.37 10.30
CA ILE D 224 8.61 -14.14 11.02
C ILE D 224 7.79 -13.05 10.33
N VAL D 225 7.10 -12.22 11.11
CA VAL D 225 6.33 -11.15 10.49
C VAL D 225 7.31 -10.28 9.71
N SER D 226 7.24 -10.34 8.39
CA SER D 226 8.14 -9.57 7.54
C SER D 226 7.47 -8.28 7.06
N TRP D 227 6.21 -8.38 6.67
CA TRP D 227 5.46 -7.20 6.24
C TRP D 227 3.97 -7.32 6.54
N GLY D 228 3.56 -6.84 7.70
CA GLY D 228 2.14 -6.87 8.06
C GLY D 228 1.53 -5.61 7.48
N LYS D 229 0.29 -5.69 6.98
CA LYS D 229 -0.29 -4.50 6.37
C LYS D 229 -1.64 -4.10 6.92
N GLY D 230 -2.02 -4.72 8.04
CA GLY D 230 -3.29 -4.41 8.64
C GLY D 230 -3.50 -2.93 8.94
N CYS D 231 -2.40 -2.22 9.18
CA CYS D 231 -2.48 -0.79 9.50
C CYS D 231 -2.17 0.15 8.33
N ASP D 232 -1.91 -0.40 7.15
CA ASP D 232 -1.60 0.42 5.99
C ASP D 232 -2.88 0.81 5.27
N ARG D 233 -2.77 1.74 4.32
CA ARG D 233 -3.91 2.22 3.57
C ARG D 233 -4.52 1.07 2.78
N ASP D 234 -3.66 0.17 2.30
CA ASP D 234 -4.10 -1.00 1.56
C ASP D 234 -3.09 -2.14 1.79
N GLY D 235 -3.38 -3.31 1.23
CA GLY D 235 -2.49 -4.45 1.40
C GLY D 235 -3.38 -5.63 1.69
N LYS D 236 -3.53 -6.53 0.72
CA LYS D 236 -4.42 -7.67 0.89
C LYS D 236 -3.92 -8.72 1.87
N TYR D 237 -2.65 -9.10 1.78
CA TYR D 237 -2.11 -10.12 2.67
C TYR D 237 -0.79 -9.74 3.31
N GLY D 238 -0.40 -10.44 4.36
CA GLY D 238 0.85 -10.15 5.04
C GLY D 238 1.98 -11.05 4.54
N PHE D 239 3.22 -10.57 4.57
CA PHE D 239 4.36 -11.36 4.11
C PHE D 239 5.18 -11.85 5.30
N TYR D 240 5.54 -13.13 5.26
CA TYR D 240 6.32 -13.73 6.33
C TYR D 240 7.56 -14.42 5.81
N THR D 241 8.60 -14.45 6.63
CA THR D 241 9.83 -15.12 6.24
C THR D 241 9.63 -16.60 6.56
N HIS D 242 9.82 -17.46 5.55
CA HIS D 242 9.66 -18.91 5.69
C HIS D 242 10.84 -19.38 6.55
N VAL D 243 10.59 -19.65 7.82
CA VAL D 243 11.67 -20.07 8.72
C VAL D 243 12.35 -21.38 8.34
N PHE D 244 11.59 -22.44 8.12
CA PHE D 244 12.22 -23.70 7.77
C PHE D 244 13.13 -23.53 6.57
N ARG D 245 12.68 -22.73 5.62
CA ARG D 245 13.41 -22.48 4.39
C ARG D 245 14.79 -21.90 4.67
N LEU D 246 14.96 -21.28 5.82
CA LEU D 246 16.23 -20.67 6.17
C LEU D 246 16.90 -21.31 7.38
N LYS D 247 16.37 -22.45 7.82
CA LYS D 247 16.89 -23.13 8.99
C LYS D 247 18.37 -23.51 8.83
N LYS D 248 18.73 -23.97 7.64
CA LYS D 248 20.11 -24.36 7.36
C LYS D 248 21.03 -23.23 7.82
N TRP D 249 20.64 -21.99 7.52
CA TRP D 249 21.42 -20.83 7.92
C TRP D 249 21.34 -20.62 9.43
N ILE D 250 20.13 -20.73 9.97
CA ILE D 250 19.95 -20.54 11.40
C ILE D 250 20.88 -21.45 12.18
N GLN D 251 20.96 -22.71 11.77
CA GLN D 251 21.83 -23.68 12.44
C GLN D 251 23.32 -23.31 12.28
N LYS D 252 23.71 -22.91 11.07
CA LYS D 252 25.10 -22.54 10.82
C LYS D 252 25.54 -21.48 11.79
N VAL D 253 24.74 -20.42 11.93
CA VAL D 253 25.08 -19.34 12.84
C VAL D 253 25.19 -19.86 14.27
N ILE D 254 24.14 -20.50 14.76
CA ILE D 254 24.15 -21.05 16.12
C ILE D 254 25.27 -22.06 16.34
N ASP D 255 25.41 -23.01 15.41
CA ASP D 255 26.44 -24.03 15.51
C ASP D 255 27.82 -23.45 15.18
N GLN D 256 28.20 -22.37 15.85
CA GLN D 256 29.49 -21.77 15.57
C GLN D 256 29.81 -20.62 16.53
N PHE D 257 28.78 -19.94 16.99
CA PHE D 257 28.95 -18.80 17.89
C PHE D 257 28.32 -19.08 19.26
N GLY D 258 27.95 -20.33 19.50
CA GLY D 258 27.35 -20.69 20.79
C GLY D 258 26.67 -22.05 20.77
#